data_3GO7
#
_entry.id   3GO7
#
_cell.length_a   79.025
_cell.length_b   119.207
_cell.length_c   89.768
_cell.angle_alpha   90.000
_cell.angle_beta   115.000
_cell.angle_gamma   90.000
#
_symmetry.space_group_name_H-M   'C 1 2 1'
#
loop_
_entity.id
_entity.type
_entity.pdbx_description
1 polymer 'RIBOKINASE RBSK'
2 non-polymer alpha-D-ribofuranose
3 non-polymer 'MAGNESIUM ION'
4 water water
#
_entity_poly.entity_id   1
_entity_poly.type   'polypeptide(L)'
_entity_poly.pdbx_seq_one_letter_code
;MHHHHHHANASETNVGPMAPRVCVVGSVNMDLTFVVDALPRPGETVLAASLTRTPGGKGANQAVAAARAGAQVQFSGAFG
DDPAAAQLRAHLRANAVGLDRTVTVPGPSGTAIIVVDASAENTVLVAPGANAHLTPVPSAVANCDVLLTQLEIPVATALA
AARAAQSADAVVMVNASPAGQDRSSLQDLAAIADVVIANEHEANDWPSPPTHFVITLGVRGARYVGADGVFEVPAPTVTP
VDTAGAGDVFAGVLAANWPRNPGSPAERLRALRRACAAGALATLVSGVGDCAPAAAAIDAALRANRHNGS
;
_entity_poly.pdbx_strand_id   A,B
#
loop_
_chem_comp.id
_chem_comp.type
_chem_comp.name
_chem_comp.formula
MG non-polymer 'MAGNESIUM ION' 'Mg 2'
RIB D-saccharide, alpha linking alpha-D-ribofuranose 'C5 H10 O5'
#
# COMPACT_ATOMS: atom_id res chain seq x y z
N ALA A 19 11.71 -20.56 0.42
CA ALA A 19 11.28 -19.35 -0.36
C ALA A 19 11.91 -18.08 0.23
N PRO A 20 12.85 -17.45 -0.51
CA PRO A 20 13.79 -16.49 0.14
C PRO A 20 13.09 -15.23 0.63
N ARG A 21 13.48 -14.76 1.80
CA ARG A 21 12.86 -13.59 2.36
C ARG A 21 13.81 -12.40 2.11
N VAL A 22 13.42 -11.54 1.17
CA VAL A 22 14.16 -10.34 0.82
C VAL A 22 13.49 -9.13 1.42
N CYS A 23 14.28 -8.32 2.10
CA CYS A 23 13.84 -7.05 2.62
C CYS A 23 14.54 -5.82 1.96
N VAL A 24 13.78 -5.09 1.16
CA VAL A 24 14.21 -3.86 0.52
C VAL A 24 13.93 -2.65 1.38
N VAL A 25 14.98 -1.93 1.75
CA VAL A 25 14.86 -0.63 2.37
C VAL A 25 15.33 0.38 1.32
N GLY A 26 14.44 1.27 0.88
CA GLY A 26 14.74 2.15 -0.25
C GLY A 26 13.63 3.10 -0.62
N SER A 27 13.63 3.51 -1.89
CA SER A 27 12.81 4.63 -2.29
C SER A 27 11.72 4.23 -3.24
N VAL A 28 10.60 4.94 -3.15
CA VAL A 28 9.50 4.81 -4.11
C VAL A 28 9.13 6.21 -4.65
N ASN A 29 9.00 6.30 -5.98
CA ASN A 29 8.79 7.58 -6.71
C ASN A 29 7.69 7.41 -7.74
N MET A 30 7.02 8.51 -8.10
CA MET A 30 6.18 8.43 -9.29
C MET A 30 7.10 8.79 -10.47
N ASP A 31 7.11 7.96 -11.49
CA ASP A 31 7.92 8.21 -12.66
C ASP A 31 7.15 8.93 -13.77
N LEU A 32 7.76 9.99 -14.32
CA LEU A 32 7.34 10.60 -15.56
C LEU A 32 8.35 10.19 -16.64
N THR A 33 7.91 9.37 -17.59
CA THR A 33 8.81 8.88 -18.63
C THR A 33 8.56 9.56 -19.98
N PHE A 34 9.60 10.18 -20.51
CA PHE A 34 9.52 10.89 -21.75
C PHE A 34 10.27 10.12 -22.81
N VAL A 35 9.66 9.96 -23.98
CA VAL A 35 10.38 9.45 -25.16
C VAL A 35 10.85 10.61 -26.04
N VAL A 36 12.15 10.61 -26.32
CA VAL A 36 12.71 11.63 -27.20
C VAL A 36 13.48 11.00 -28.36
N ASP A 37 13.82 11.83 -29.33
CA ASP A 37 14.74 11.42 -30.37
C ASP A 37 16.16 11.47 -29.80
N ALA A 38 16.52 12.62 -29.23
CA ALA A 38 17.83 12.78 -28.63
C ALA A 38 17.75 13.39 -27.23
N LEU A 39 18.65 12.94 -26.35
CA LEU A 39 18.71 13.44 -25.00
C LEU A 39 18.96 14.93 -25.02
N PRO A 40 18.13 15.70 -24.29
CA PRO A 40 18.26 17.15 -24.27
C PRO A 40 19.65 17.55 -23.83
N ARG A 41 20.18 18.58 -24.49
CA ARG A 41 21.46 19.14 -24.08
C ARG A 41 21.28 20.44 -23.29
N PRO A 42 22.24 20.75 -22.39
CA PRO A 42 22.15 21.93 -21.57
C PRO A 42 21.77 23.13 -22.41
N GLY A 43 20.67 23.79 -22.07
CA GLY A 43 20.27 24.94 -22.83
C GLY A 43 19.15 24.65 -23.79
N GLU A 44 19.10 23.41 -24.30
CA GLU A 44 18.10 23.04 -25.32
C GLU A 44 16.66 23.08 -24.83
N THR A 45 15.72 23.22 -25.76
CA THR A 45 14.31 22.97 -25.47
C THR A 45 13.82 21.85 -26.36
N VAL A 46 13.47 20.72 -25.78
CA VAL A 46 13.02 19.58 -26.58
C VAL A 46 11.53 19.31 -26.37
N LEU A 47 10.85 19.00 -27.46
CA LEU A 47 9.48 18.53 -27.45
C LEU A 47 9.51 17.00 -27.46
N ALA A 48 8.76 16.37 -26.55
CA ALA A 48 8.85 14.92 -26.38
C ALA A 48 7.80 14.23 -27.21
N ALA A 49 8.07 12.98 -27.59
CA ALA A 49 7.12 12.22 -28.39
C ALA A 49 5.99 11.70 -27.53
N SER A 50 6.30 11.12 -26.38
CA SER A 50 5.26 10.61 -25.48
C SER A 50 5.62 10.87 -24.03
N LEU A 51 4.63 10.71 -23.17
CA LEU A 51 4.84 10.87 -21.74
C LEU A 51 4.01 9.85 -21.01
N THR A 52 4.62 9.12 -20.09
CA THR A 52 3.85 8.23 -19.22
C THR A 52 4.08 8.57 -17.77
N ARG A 53 3.14 8.19 -16.93
CA ARG A 53 3.21 8.47 -15.52
C ARG A 53 2.92 7.13 -14.86
N THR A 54 3.94 6.54 -14.23
CA THR A 54 3.88 5.19 -13.73
C THR A 54 4.63 5.14 -12.40
N PRO A 55 4.19 4.30 -11.48
CA PRO A 55 4.95 4.07 -10.23
C PRO A 55 6.33 3.46 -10.41
N GLY A 56 7.28 3.96 -9.62
CA GLY A 56 8.62 3.46 -9.69
C GLY A 56 9.42 3.77 -8.44
N GLY A 57 10.69 4.12 -8.65
CA GLY A 57 11.66 4.22 -7.56
C GLY A 57 12.54 2.97 -7.54
N LYS A 58 13.85 3.16 -7.39
CA LYS A 58 14.79 2.04 -7.25
C LYS A 58 14.31 1.01 -6.20
N GLY A 59 13.89 1.46 -5.03
CA GLY A 59 13.46 0.56 -3.97
C GLY A 59 12.29 -0.30 -4.40
N ALA A 60 11.27 0.37 -4.93
CA ALA A 60 10.05 -0.24 -5.39
C ALA A 60 10.34 -1.18 -6.57
N ASN A 61 10.98 -0.67 -7.61
CA ASN A 61 11.31 -1.49 -8.77
C ASN A 61 12.03 -2.76 -8.31
N GLN A 62 12.97 -2.61 -7.38
CA GLN A 62 13.77 -3.75 -6.94
C GLN A 62 12.97 -4.75 -6.12
N ALA A 63 12.09 -4.24 -5.24
CA ALA A 63 11.15 -5.08 -4.55
C ALA A 63 10.29 -5.85 -5.55
N VAL A 64 9.67 -5.17 -6.51
CA VAL A 64 8.76 -5.81 -7.47
C VAL A 64 9.50 -6.91 -8.24
N ALA A 65 10.70 -6.57 -8.73
CA ALA A 65 11.52 -7.52 -9.48
C ALA A 65 11.86 -8.73 -8.64
N ALA A 66 12.22 -8.49 -7.38
CA ALA A 66 12.52 -9.61 -6.50
C ALA A 66 11.26 -10.49 -6.30
N ALA A 67 10.10 -9.85 -6.23
CA ALA A 67 8.86 -10.59 -5.98
C ALA A 67 8.53 -11.44 -7.19
N ARG A 68 8.53 -10.86 -8.37
CA ARG A 68 8.24 -11.63 -9.59
C ARG A 68 9.24 -12.79 -9.83
N ALA A 69 10.40 -12.69 -9.18
CA ALA A 69 11.47 -13.66 -9.33
C ALA A 69 11.33 -14.82 -8.33
N GLY A 70 10.34 -14.70 -7.43
CA GLY A 70 9.97 -15.79 -6.52
C GLY A 70 10.25 -15.55 -5.06
N ALA A 71 10.82 -14.41 -4.73
CA ALA A 71 11.12 -14.10 -3.33
C ALA A 71 9.87 -13.66 -2.56
N GLN A 72 9.99 -13.69 -1.24
CA GLN A 72 8.95 -13.22 -0.38
C GLN A 72 9.46 -11.88 0.16
N VAL A 73 8.80 -10.79 -0.23
CA VAL A 73 9.39 -9.44 -0.17
C VAL A 73 8.66 -8.43 0.71
N GLN A 74 9.39 -7.77 1.58
CA GLN A 74 8.89 -6.62 2.33
C GLN A 74 9.65 -5.37 1.88
N PHE A 75 8.91 -4.28 1.72
CA PHE A 75 9.46 -3.00 1.37
C PHE A 75 9.35 -2.07 2.54
N SER A 76 10.42 -1.33 2.79
CA SER A 76 10.39 -0.32 3.82
C SER A 76 10.86 0.99 3.21
N GLY A 77 9.91 1.88 2.91
CA GLY A 77 10.20 3.22 2.42
C GLY A 77 9.25 4.27 2.96
N ALA A 78 9.39 5.52 2.48
CA ALA A 78 8.55 6.62 2.91
C ALA A 78 7.70 7.09 1.73
N PHE A 79 6.39 7.17 1.94
CA PHE A 79 5.46 7.79 1.00
C PHE A 79 5.18 9.20 1.48
N GLY A 80 4.77 10.07 0.57
CA GLY A 80 4.24 11.38 0.96
C GLY A 80 2.81 11.19 1.41
N ASP A 81 2.20 12.20 2.05
CA ASP A 81 0.80 12.13 2.40
C ASP A 81 -0.02 12.76 1.25
N ASP A 82 0.35 12.43 0.03
CA ASP A 82 -0.22 13.09 -1.11
C ASP A 82 -0.99 12.12 -2.00
N PRO A 83 -1.73 12.64 -3.02
CA PRO A 83 -2.53 11.75 -3.90
C PRO A 83 -1.73 10.65 -4.63
N ALA A 84 -0.49 10.95 -5.02
CA ALA A 84 0.39 9.93 -5.62
C ALA A 84 0.62 8.71 -4.73
N ALA A 85 0.67 8.91 -3.41
CA ALA A 85 1.03 7.80 -2.48
C ALA A 85 0.19 6.53 -2.66
N ALA A 86 -1.12 6.72 -2.72
CA ALA A 86 -2.09 5.65 -2.96
C ALA A 86 -1.81 4.87 -4.25
N GLN A 87 -1.40 5.54 -5.30
CA GLN A 87 -1.10 4.84 -6.55
C GLN A 87 0.18 4.00 -6.39
N LEU A 88 1.17 4.56 -5.70
CA LEU A 88 2.43 3.87 -5.41
C LEU A 88 2.26 2.65 -4.51
N ARG A 89 1.63 2.81 -3.34
CA ARG A 89 1.24 1.69 -2.46
C ARG A 89 0.53 0.57 -3.22
N ALA A 90 -0.47 0.94 -4.03
CA ALA A 90 -1.29 0.00 -4.77
C ALA A 90 -0.46 -0.82 -5.75
N HIS A 91 0.52 -0.17 -6.36
CA HIS A 91 1.46 -0.81 -7.29
C HIS A 91 2.30 -1.92 -6.57
N LEU A 92 2.75 -1.63 -5.36
CA LEU A 92 3.54 -2.60 -4.62
C LEU A 92 2.65 -3.79 -4.22
N ARG A 93 1.48 -3.51 -3.60
CA ARG A 93 0.53 -4.57 -3.22
C ARG A 93 0.11 -5.41 -4.41
N ALA A 94 -0.13 -4.81 -5.57
CA ALA A 94 -0.51 -5.60 -6.75
C ALA A 94 0.61 -6.54 -7.20
N ASN A 95 1.84 -6.32 -6.74
CA ASN A 95 2.95 -7.18 -7.11
C ASN A 95 3.41 -8.01 -5.92
N ALA A 96 2.60 -8.01 -4.86
CA ALA A 96 2.76 -8.93 -3.74
C ALA A 96 3.84 -8.48 -2.79
N VAL A 97 4.19 -7.21 -2.82
CA VAL A 97 5.20 -6.69 -1.91
C VAL A 97 4.52 -6.23 -0.61
N GLY A 98 5.12 -6.55 0.54
CA GLY A 98 4.61 -6.15 1.84
C GLY A 98 4.97 -4.75 2.30
N LEU A 99 4.06 -4.08 3.01
CA LEU A 99 4.16 -2.65 3.31
C LEU A 99 4.09 -2.24 4.79
N ASP A 100 4.02 -3.24 5.67
CA ASP A 100 3.92 -3.03 7.14
C ASP A 100 5.06 -2.21 7.73
N ARG A 101 6.22 -2.19 7.09
CA ARG A 101 7.33 -1.44 7.66
C ARG A 101 7.58 -0.10 6.94
N THR A 102 6.57 0.38 6.21
CA THR A 102 6.72 1.64 5.48
C THR A 102 6.24 2.81 6.34
N VAL A 103 6.65 4.03 6.01
CA VAL A 103 6.13 5.18 6.71
C VAL A 103 5.56 6.23 5.76
N THR A 104 5.08 7.31 6.35
CA THR A 104 4.47 8.43 5.66
C THR A 104 5.14 9.67 6.13
N VAL A 105 5.74 10.41 5.21
CA VAL A 105 6.34 11.69 5.55
C VAL A 105 5.52 12.82 4.94
N PRO A 106 4.96 13.71 5.76
CA PRO A 106 4.12 14.79 5.17
C PRO A 106 4.82 15.49 3.99
N GLY A 107 4.07 15.98 3.02
CA GLY A 107 4.69 16.57 1.84
C GLY A 107 4.69 15.57 0.70
N PRO A 108 5.47 15.85 -0.35
CA PRO A 108 5.33 15.04 -1.59
C PRO A 108 5.99 13.71 -1.48
N SER A 109 5.46 12.75 -2.21
CA SER A 109 6.18 11.55 -2.57
C SER A 109 7.27 11.92 -3.57
N GLY A 110 8.26 11.03 -3.74
CA GLY A 110 9.35 11.28 -4.68
C GLY A 110 8.87 11.41 -6.11
N THR A 111 9.61 12.17 -6.93
CA THR A 111 9.32 12.29 -8.35
C THR A 111 10.58 11.96 -9.12
N ALA A 112 10.43 11.26 -10.25
CA ALA A 112 11.54 11.01 -11.15
C ALA A 112 11.18 11.33 -12.58
N ILE A 113 12.18 11.84 -13.30
CA ILE A 113 12.04 12.07 -14.70
C ILE A 113 12.98 11.09 -15.36
N ILE A 114 12.39 10.18 -16.14
CA ILE A 114 13.15 9.32 -17.01
C ILE A 114 13.02 9.82 -18.45
N VAL A 115 14.16 9.90 -19.13
CA VAL A 115 14.16 10.28 -20.52
C VAL A 115 14.79 9.12 -21.31
N VAL A 116 14.04 8.63 -22.29
CA VAL A 116 14.52 7.55 -23.13
C VAL A 116 14.63 8.02 -24.58
N ASP A 117 15.71 7.64 -25.24
CA ASP A 117 15.99 8.13 -26.59
C ASP A 117 15.93 7.00 -27.62
N ALA A 118 16.36 7.33 -28.83
CA ALA A 118 16.28 6.45 -30.02
C ALA A 118 17.04 5.15 -29.81
N SER A 119 18.24 5.27 -29.26
CA SER A 119 19.10 4.13 -29.11
C SER A 119 18.83 3.36 -27.80
N ALA A 120 17.63 3.57 -27.23
CA ALA A 120 17.23 2.92 -25.99
C ALA A 120 18.11 3.27 -24.81
N GLU A 121 18.73 4.43 -24.84
CA GLU A 121 19.47 4.93 -23.69
C GLU A 121 18.56 5.79 -22.79
N ASN A 122 18.95 5.98 -21.54
CA ASN A 122 18.08 6.64 -20.57
C ASN A 122 18.85 7.48 -19.58
N THR A 123 18.24 8.59 -19.15
CA THR A 123 18.74 9.41 -18.08
C THR A 123 17.68 9.43 -16.99
N VAL A 124 18.10 9.50 -15.74
CA VAL A 124 17.16 9.50 -14.63
C VAL A 124 17.48 10.67 -13.72
N LEU A 125 16.45 11.45 -13.40
CA LEU A 125 16.56 12.56 -12.49
C LEU A 125 15.47 12.48 -11.40
N VAL A 126 15.87 12.58 -10.13
CA VAL A 126 14.95 12.30 -9.04
C VAL A 126 14.85 13.47 -8.06
N ALA A 127 13.63 13.88 -7.71
CA ALA A 127 13.44 14.72 -6.56
C ALA A 127 12.90 13.76 -5.50
N PRO A 128 13.74 13.37 -4.52
CA PRO A 128 13.37 12.26 -3.64
C PRO A 128 12.17 12.53 -2.73
N GLY A 129 11.82 13.80 -2.50
CA GLY A 129 10.69 14.15 -1.62
C GLY A 129 10.74 13.35 -0.33
N ALA A 130 9.64 12.67 -0.01
CA ALA A 130 9.51 11.86 1.21
C ALA A 130 10.67 10.89 1.46
N ASN A 131 11.23 10.32 0.40
CA ASN A 131 12.34 9.41 0.53
C ASN A 131 13.57 9.98 1.24
N ALA A 132 13.78 11.30 1.15
CA ALA A 132 14.95 11.90 1.80
C ALA A 132 14.72 12.01 3.31
N HIS A 133 13.51 11.69 3.77
CA HIS A 133 13.23 11.78 5.19
C HIS A 133 12.92 10.40 5.84
N LEU A 134 13.30 9.32 5.16
CA LEU A 134 13.19 8.00 5.72
C LEU A 134 14.24 7.84 6.81
N THR A 135 13.79 7.65 8.04
CA THR A 135 14.69 7.36 9.14
C THR A 135 14.53 5.87 9.56
N PRO A 136 15.48 5.32 10.35
CA PRO A 136 15.43 3.86 10.54
C PRO A 136 14.15 3.37 11.24
N VAL A 137 13.47 2.42 10.58
CA VAL A 137 12.19 1.88 11.05
C VAL A 137 12.47 0.60 11.87
N PRO A 138 11.98 0.51 13.14
CA PRO A 138 12.46 -0.57 14.06
C PRO A 138 12.35 -1.99 13.47
N SER A 139 11.14 -2.36 13.02
CA SER A 139 10.87 -3.71 12.48
C SER A 139 11.52 -3.94 11.10
N ALA A 140 12.15 -2.89 10.57
CA ALA A 140 12.53 -2.82 9.13
C ALA A 140 13.13 -4.08 8.51
N VAL A 141 13.94 -4.81 9.27
CA VAL A 141 14.76 -5.91 8.72
C VAL A 141 14.53 -7.31 9.35
N ALA A 142 13.68 -7.39 10.39
CA ALA A 142 13.40 -8.67 11.07
C ALA A 142 13.09 -9.80 10.08
N ASN A 143 13.55 -11.00 10.43
CA ASN A 143 13.22 -12.23 9.66
C ASN A 143 13.44 -12.07 8.17
N CYS A 144 14.64 -11.68 7.79
CA CYS A 144 14.97 -11.65 6.38
C CYS A 144 16.25 -12.41 6.10
N ASP A 145 16.34 -13.03 4.94
CA ASP A 145 17.60 -13.64 4.45
C ASP A 145 18.53 -12.61 3.81
N VAL A 146 17.96 -11.70 3.01
CA VAL A 146 18.74 -10.66 2.32
C VAL A 146 18.15 -9.27 2.51
N LEU A 147 19.00 -8.32 2.89
CA LEU A 147 18.63 -6.93 2.83
C LEU A 147 19.18 -6.32 1.55
N LEU A 148 18.29 -5.70 0.77
CA LEU A 148 18.68 -4.94 -0.39
C LEU A 148 18.36 -3.46 -0.19
N THR A 149 19.36 -2.60 -0.34
CA THR A 149 19.15 -1.17 -0.16
C THR A 149 19.77 -0.31 -1.29
N GLN A 150 19.45 0.98 -1.33
CA GLN A 150 20.04 1.87 -2.35
C GLN A 150 20.18 3.27 -1.76
N LEU A 151 20.55 4.27 -2.56
CA LEU A 151 21.10 5.48 -1.99
C LEU A 151 20.32 6.77 -2.22
N GLU A 152 19.06 6.62 -2.66
CA GLU A 152 18.12 7.76 -2.76
C GLU A 152 17.57 8.17 -1.38
N ILE A 153 17.50 7.17 -0.50
CA ILE A 153 17.16 7.39 0.90
C ILE A 153 18.43 7.92 1.59
N PRO A 154 18.31 8.45 2.84
CA PRO A 154 19.54 8.87 3.50
C PRO A 154 20.47 7.68 3.65
N VAL A 155 21.76 7.94 3.43
CA VAL A 155 22.74 6.88 3.60
C VAL A 155 22.73 6.33 5.02
N ALA A 156 22.51 7.22 6.00
CA ALA A 156 22.46 6.83 7.41
C ALA A 156 21.41 5.77 7.64
N THR A 157 20.27 5.91 6.95
CA THR A 157 19.18 4.95 7.08
C THR A 157 19.54 3.63 6.41
N ALA A 158 20.14 3.68 5.22
CA ALA A 158 20.65 2.48 4.58
C ALA A 158 21.69 1.80 5.47
N LEU A 159 22.56 2.60 6.11
CA LEU A 159 23.54 2.08 7.04
C LEU A 159 22.88 1.38 8.22
N ALA A 160 21.89 2.03 8.80
CA ALA A 160 21.22 1.43 9.94
C ALA A 160 20.61 0.10 9.55
N ALA A 161 19.94 0.06 8.40
CA ALA A 161 19.36 -1.19 7.92
C ALA A 161 20.44 -2.26 7.75
N ALA A 162 21.61 -1.88 7.21
CA ALA A 162 22.72 -2.81 7.03
C ALA A 162 23.17 -3.42 8.37
N ARG A 163 23.33 -2.59 9.39
CA ARG A 163 23.80 -3.05 10.70
C ARG A 163 22.88 -4.06 11.35
N ALA A 164 21.58 -3.79 11.26
CA ALA A 164 20.56 -4.67 11.78
C ALA A 164 20.51 -5.99 11.01
N ALA A 165 20.83 -5.94 9.72
CA ALA A 165 20.85 -7.15 8.90
C ALA A 165 22.03 -8.06 9.24
N GLN A 166 23.15 -7.47 9.59
CA GLN A 166 24.33 -8.26 9.96
C GLN A 166 24.14 -8.94 11.31
N SER A 167 23.60 -8.21 12.27
CA SER A 167 23.25 -8.78 13.56
C SER A 167 22.38 -10.02 13.41
N ALA A 168 21.44 -10.00 12.46
CA ALA A 168 20.57 -11.16 12.20
C ALA A 168 21.18 -12.08 11.13
N ASP A 169 22.47 -11.91 10.86
CA ASP A 169 23.17 -12.75 9.89
C ASP A 169 22.50 -12.81 8.49
N ALA A 170 21.76 -11.75 8.12
CA ALA A 170 21.25 -11.55 6.73
C ALA A 170 22.31 -10.99 5.78
N VAL A 171 22.19 -11.28 4.49
CA VAL A 171 23.12 -10.70 3.50
C VAL A 171 22.87 -9.19 3.34
N VAL A 172 23.92 -8.37 3.47
CA VAL A 172 23.84 -6.94 3.17
C VAL A 172 24.22 -6.67 1.72
N MET A 173 23.19 -6.36 0.93
CA MET A 173 23.33 -6.11 -0.51
C MET A 173 22.93 -4.66 -0.80
N VAL A 174 23.85 -3.90 -1.40
CA VAL A 174 23.66 -2.48 -1.63
C VAL A 174 23.78 -2.18 -3.13
N ASN A 175 22.76 -1.51 -3.68
CA ASN A 175 22.86 -0.94 -5.04
C ASN A 175 23.42 0.45 -4.87
N ALA A 176 24.70 0.62 -5.21
CA ALA A 176 25.44 1.85 -4.90
C ALA A 176 25.08 2.99 -5.84
N SER A 177 23.81 3.37 -5.83
CA SER A 177 23.23 4.33 -6.76
C SER A 177 22.17 5.12 -6.07
N PRO A 178 22.11 6.44 -6.33
CA PRO A 178 23.08 7.21 -7.10
C PRO A 178 24.45 7.36 -6.41
N ALA A 179 25.46 7.71 -7.21
CA ALA A 179 26.80 8.02 -6.71
C ALA A 179 26.78 9.38 -6.02
N GLY A 180 27.90 9.74 -5.37
CA GLY A 180 28.12 11.05 -4.77
C GLY A 180 27.41 11.33 -3.46
N GLN A 181 26.91 10.33 -2.76
CA GLN A 181 26.22 10.63 -1.52
C GLN A 181 27.18 10.89 -0.34
N ASP A 182 26.60 11.27 0.82
CA ASP A 182 27.38 11.59 2.04
C ASP A 182 28.56 10.63 2.32
N ARG A 183 29.77 11.17 2.19
CA ARG A 183 31.01 10.37 2.18
C ARG A 183 31.29 9.51 3.44
N SER A 184 31.05 10.06 4.63
CA SER A 184 31.40 9.35 5.86
C SER A 184 30.42 8.22 6.12
N SER A 185 29.13 8.49 5.89
CA SER A 185 28.11 7.44 5.92
C SER A 185 28.35 6.34 4.87
N LEU A 186 28.80 6.76 3.69
CA LEU A 186 29.15 5.81 2.65
C LEU A 186 30.24 4.87 3.12
N GLN A 187 31.28 5.48 3.71
CA GLN A 187 32.44 4.73 4.20
C GLN A 187 32.04 3.65 5.20
N ASP A 188 31.21 4.02 6.17
CA ASP A 188 30.76 3.09 7.20
C ASP A 188 29.99 1.94 6.59
N LEU A 189 29.19 2.25 5.57
CA LEU A 189 28.35 1.25 4.88
C LEU A 189 29.21 0.33 4.01
N ALA A 190 30.16 0.91 3.29
CA ALA A 190 31.08 0.12 2.45
C ALA A 190 31.87 -0.90 3.30
N ALA A 191 32.16 -0.53 4.55
CA ALA A 191 32.93 -1.35 5.47
C ALA A 191 32.30 -2.70 5.76
N ILE A 192 30.97 -2.74 5.83
CA ILE A 192 30.21 -3.95 6.22
C ILE A 192 29.38 -4.63 5.13
N ALA A 193 29.31 -4.02 3.96
CA ALA A 193 28.48 -4.55 2.88
C ALA A 193 29.04 -5.89 2.36
N ASP A 194 28.15 -6.86 2.16
CA ASP A 194 28.52 -8.15 1.61
C ASP A 194 28.63 -8.08 0.09
N VAL A 195 27.60 -7.50 -0.53
CA VAL A 195 27.44 -7.40 -1.99
C VAL A 195 27.13 -5.94 -2.38
N VAL A 196 27.83 -5.43 -3.39
CA VAL A 196 27.56 -4.11 -3.91
C VAL A 196 27.26 -4.25 -5.40
N ILE A 197 26.11 -3.73 -5.84
CA ILE A 197 25.76 -3.71 -7.24
C ILE A 197 25.91 -2.27 -7.66
N ALA A 198 26.51 -2.07 -8.82
CA ALA A 198 26.88 -0.75 -9.31
C ALA A 198 27.29 -0.87 -10.75
N ASN A 199 26.95 0.14 -11.54
CA ASN A 199 27.50 0.25 -12.88
C ASN A 199 28.95 0.77 -12.76
N GLU A 200 29.68 0.78 -13.88
CA GLU A 200 31.09 1.14 -13.85
C GLU A 200 31.34 2.50 -13.21
N HIS A 201 30.56 3.52 -13.61
CA HIS A 201 30.67 4.85 -12.99
C HIS A 201 30.40 4.81 -11.48
N GLU A 202 29.38 4.06 -11.05
CA GLU A 202 29.03 4.01 -9.63
C GLU A 202 30.05 3.23 -8.78
N ALA A 203 30.57 2.12 -9.34
CA ALA A 203 31.58 1.31 -8.67
C ALA A 203 32.77 2.20 -8.31
N ASN A 204 33.14 3.08 -9.25
CA ASN A 204 34.20 4.05 -9.05
C ASN A 204 34.04 4.94 -7.83
N ASP A 205 32.85 5.50 -7.62
CA ASP A 205 32.60 6.41 -6.50
C ASP A 205 32.53 5.70 -5.13
N TRP A 206 32.42 4.38 -5.14
CA TRP A 206 32.23 3.61 -3.92
C TRP A 206 33.53 3.60 -3.06
N PRO A 207 33.43 3.79 -1.72
CA PRO A 207 34.62 3.91 -0.88
C PRO A 207 35.61 2.73 -0.90
N SER A 208 35.16 1.53 -0.53
CA SER A 208 36.04 0.37 -0.53
C SER A 208 35.29 -0.89 -0.96
N PRO A 209 36.01 -1.89 -1.52
CA PRO A 209 35.35 -3.07 -2.11
C PRO A 209 34.72 -3.95 -1.06
N PRO A 210 33.55 -4.51 -1.37
CA PRO A 210 32.80 -5.47 -0.56
C PRO A 210 33.29 -6.87 -0.78
N THR A 211 32.75 -7.84 -0.04
CA THR A 211 33.08 -9.21 -0.26
C THR A 211 32.76 -9.61 -1.70
N HIS A 212 31.63 -9.16 -2.23
CA HIS A 212 31.25 -9.50 -3.60
C HIS A 212 30.81 -8.25 -4.33
N PHE A 213 31.62 -7.86 -5.32
CA PHE A 213 31.43 -6.61 -6.03
C PHE A 213 30.87 -6.98 -7.38
N VAL A 214 29.64 -6.52 -7.64
CA VAL A 214 28.95 -6.84 -8.91
C VAL A 214 28.87 -5.57 -9.71
N ILE A 215 29.71 -5.47 -10.74
CA ILE A 215 29.69 -4.29 -11.61
C ILE A 215 28.91 -4.62 -12.84
N THR A 216 27.79 -3.94 -13.05
CA THR A 216 27.00 -4.14 -14.26
C THR A 216 27.60 -3.43 -15.51
N LEU A 217 27.21 -3.91 -16.69
CA LEU A 217 27.86 -3.50 -17.91
C LEU A 217 26.79 -3.37 -18.98
N GLY A 218 25.71 -2.66 -18.66
CA GLY A 218 24.58 -2.52 -19.57
C GLY A 218 24.14 -3.83 -20.18
N VAL A 219 23.96 -3.85 -21.50
CA VAL A 219 23.47 -5.04 -22.21
C VAL A 219 24.51 -6.17 -22.31
N ARG A 220 25.75 -5.89 -21.92
CA ARG A 220 26.79 -6.92 -21.89
C ARG A 220 26.67 -7.87 -20.69
N GLY A 221 25.99 -7.45 -19.62
CA GLY A 221 25.85 -8.30 -18.43
C GLY A 221 26.61 -7.77 -17.24
N ALA A 222 27.44 -8.60 -16.61
CA ALA A 222 28.09 -8.16 -15.38
C ALA A 222 29.52 -8.66 -15.12
N ARG A 223 30.23 -7.93 -14.30
CA ARG A 223 31.59 -8.25 -13.96
C ARG A 223 31.64 -8.51 -12.46
N TYR A 224 32.35 -9.56 -12.04
CA TYR A 224 32.49 -9.88 -10.61
C TYR A 224 33.92 -9.61 -10.12
N VAL A 225 34.04 -8.96 -8.97
CA VAL A 225 35.34 -8.83 -8.31
C VAL A 225 35.13 -9.14 -6.84
N GLY A 226 35.80 -10.17 -6.32
CA GLY A 226 35.73 -10.46 -4.88
C GLY A 226 36.20 -11.85 -4.49
N ALA A 227 35.79 -12.27 -3.30
CA ALA A 227 36.15 -13.57 -2.72
C ALA A 227 36.01 -14.80 -3.63
N ASP A 228 35.22 -14.70 -4.68
CA ASP A 228 35.09 -15.82 -5.64
C ASP A 228 36.06 -15.65 -6.83
N GLY A 229 36.86 -14.59 -6.80
CA GLY A 229 37.71 -14.29 -7.94
C GLY A 229 37.21 -13.12 -8.79
N VAL A 230 37.48 -13.24 -10.08
CA VAL A 230 37.31 -12.14 -11.03
C VAL A 230 36.89 -12.76 -12.32
N PHE A 231 35.70 -12.40 -12.80
CA PHE A 231 35.15 -12.99 -14.04
C PHE A 231 33.99 -12.17 -14.57
N GLU A 232 33.71 -12.38 -15.85
CA GLU A 232 32.54 -11.79 -16.50
C GLU A 232 31.36 -12.77 -16.44
N VAL A 233 30.15 -12.24 -16.53
CA VAL A 233 28.96 -13.05 -16.71
C VAL A 233 28.18 -12.45 -17.87
N PRO A 234 28.25 -13.08 -19.05
CA PRO A 234 27.55 -12.55 -20.23
C PRO A 234 26.05 -12.55 -20.01
N ALA A 235 25.31 -11.78 -20.80
CA ALA A 235 23.86 -11.73 -20.73
C ALA A 235 23.33 -12.12 -22.09
N PRO A 236 22.13 -12.73 -22.14
CA PRO A 236 21.57 -12.96 -23.47
C PRO A 236 21.68 -11.73 -24.39
N THR A 237 21.91 -11.98 -25.68
CA THR A 237 22.01 -10.93 -26.66
C THR A 237 20.61 -10.52 -27.04
N VAL A 238 20.30 -9.23 -26.94
CA VAL A 238 18.96 -8.71 -27.26
C VAL A 238 19.01 -7.33 -27.91
N THR A 239 17.99 -7.02 -28.72
CA THR A 239 17.81 -5.66 -29.23
C THR A 239 17.03 -4.86 -28.18
N PRO A 240 17.73 -3.94 -27.47
CA PRO A 240 17.10 -3.20 -26.39
C PRO A 240 15.98 -2.31 -26.91
N VAL A 241 14.85 -2.33 -26.25
CA VAL A 241 13.81 -1.39 -26.59
C VAL A 241 13.91 -0.23 -25.63
N ASP A 242 14.12 -0.51 -24.34
CA ASP A 242 14.19 0.53 -23.31
C ASP A 242 14.98 0.02 -22.10
N THR A 243 16.08 0.68 -21.78
CA THR A 243 16.97 0.21 -20.71
C THR A 243 16.57 0.74 -19.34
N ALA A 244 15.74 1.78 -19.31
CA ALA A 244 15.27 2.30 -18.03
C ALA A 244 14.63 1.19 -17.20
N GLY A 245 15.09 1.09 -15.96
CA GLY A 245 14.57 0.10 -15.03
C GLY A 245 15.23 -1.26 -15.06
N ALA A 246 16.00 -1.58 -16.11
CA ALA A 246 16.69 -2.89 -16.19
C ALA A 246 17.68 -3.15 -15.06
N GLY A 247 18.38 -2.13 -14.61
CA GLY A 247 19.28 -2.29 -13.48
C GLY A 247 18.56 -2.71 -12.20
N ASP A 248 17.44 -2.04 -11.90
CA ASP A 248 16.64 -2.38 -10.70
C ASP A 248 16.15 -3.82 -10.76
N VAL A 249 15.87 -4.29 -11.98
CA VAL A 249 15.51 -5.68 -12.20
C VAL A 249 16.69 -6.57 -11.86
N PHE A 250 17.85 -6.32 -12.48
CA PHE A 250 19.09 -7.03 -12.10
C PHE A 250 19.25 -7.13 -10.58
N ALA A 251 19.20 -6.00 -9.90
CA ALA A 251 19.35 -5.94 -8.46
C ALA A 251 18.37 -6.80 -7.68
N GLY A 252 17.08 -6.70 -8.02
CA GLY A 252 16.03 -7.44 -7.29
C GLY A 252 16.16 -8.93 -7.54
N VAL A 253 16.42 -9.28 -8.80
CA VAL A 253 16.57 -10.68 -9.17
C VAL A 253 17.80 -11.24 -8.46
N LEU A 254 18.84 -10.44 -8.34
CA LEU A 254 20.01 -10.85 -7.64
C LEU A 254 19.61 -11.18 -6.20
N ALA A 255 18.97 -10.23 -5.54
CA ALA A 255 18.60 -10.40 -4.13
C ALA A 255 17.75 -11.65 -3.93
N ALA A 256 16.80 -11.86 -4.84
CA ALA A 256 15.94 -13.06 -4.84
C ALA A 256 16.66 -14.41 -5.03
N ASN A 257 17.94 -14.39 -5.39
CA ASN A 257 18.63 -15.64 -5.72
C ASN A 257 19.95 -15.81 -5.02
N TRP A 258 20.31 -14.82 -4.23
CA TRP A 258 21.61 -14.87 -3.60
C TRP A 258 21.54 -15.82 -2.40
N PRO A 259 22.51 -16.76 -2.30
CA PRO A 259 22.51 -17.74 -1.21
C PRO A 259 22.49 -17.08 0.17
N ARG A 260 21.82 -17.71 1.14
CA ARG A 260 21.94 -17.34 2.56
C ARG A 260 23.43 -17.37 2.84
N ASN A 261 23.97 -16.40 3.55
CA ASN A 261 25.36 -16.56 3.96
C ASN A 261 25.35 -17.74 4.91
N PRO A 262 26.33 -18.66 4.78
CA PRO A 262 27.44 -18.54 3.80
C PRO A 262 27.03 -19.26 2.51
N GLY A 263 27.73 -19.01 1.42
CA GLY A 263 27.28 -19.63 0.19
C GLY A 263 28.37 -20.30 -0.61
N SER A 264 27.96 -21.16 -1.51
CA SER A 264 28.89 -21.70 -2.48
C SER A 264 29.11 -20.65 -3.56
N PRO A 265 30.32 -20.60 -4.13
CA PRO A 265 30.54 -19.96 -5.43
C PRO A 265 29.54 -20.36 -6.53
N ALA A 266 29.04 -21.59 -6.51
CA ALA A 266 28.09 -22.04 -7.53
C ALA A 266 26.74 -21.32 -7.42
N GLU A 267 26.24 -21.20 -6.18
CA GLU A 267 25.02 -20.44 -5.86
C GLU A 267 25.10 -18.93 -6.13
N ARG A 268 26.23 -18.32 -5.81
CA ARG A 268 26.46 -16.93 -6.20
C ARG A 268 26.42 -16.79 -7.71
N LEU A 269 27.10 -17.70 -8.41
CA LEU A 269 27.18 -17.68 -9.86
C LEU A 269 25.80 -17.80 -10.51
N ARG A 270 24.97 -18.70 -9.96
CA ARG A 270 23.63 -18.96 -10.46
C ARG A 270 22.79 -17.69 -10.32
N ALA A 271 22.93 -17.02 -9.19
CA ALA A 271 22.28 -15.74 -8.95
C ALA A 271 22.69 -14.67 -9.99
N LEU A 272 23.99 -14.52 -10.26
CA LEU A 272 24.47 -13.54 -11.25
C LEU A 272 23.93 -13.85 -12.66
N ARG A 273 23.97 -15.13 -13.00
CA ARG A 273 23.41 -15.59 -14.24
C ARG A 273 21.94 -15.20 -14.42
N ARG A 274 21.14 -15.41 -13.37
CA ARG A 274 19.72 -15.11 -13.42
C ARG A 274 19.47 -13.62 -13.49
N ALA A 275 20.23 -12.86 -12.70
CA ALA A 275 20.17 -11.41 -12.73
C ALA A 275 20.45 -10.82 -14.12
N CYS A 276 21.53 -11.29 -14.78
CA CYS A 276 21.83 -10.88 -16.17
C CYS A 276 20.72 -11.23 -17.16
N ALA A 277 20.19 -12.45 -17.05
CA ALA A 277 19.11 -12.86 -17.93
C ALA A 277 17.90 -11.95 -17.72
N ALA A 278 17.53 -11.77 -16.45
CA ALA A 278 16.41 -10.92 -16.09
C ALA A 278 16.59 -9.50 -16.62
N GLY A 279 17.75 -8.91 -16.31
CA GLY A 279 18.07 -7.56 -16.73
C GLY A 279 17.92 -7.36 -18.21
N ALA A 280 18.33 -8.35 -18.97
CA ALA A 280 18.29 -8.26 -20.41
C ALA A 280 16.82 -8.37 -20.87
N LEU A 281 16.04 -9.21 -20.19
CA LEU A 281 14.63 -9.31 -20.52
C LEU A 281 13.97 -7.97 -20.30
N ALA A 282 14.33 -7.30 -19.20
CA ALA A 282 13.75 -5.99 -18.84
C ALA A 282 13.95 -4.88 -19.88
N THR A 283 14.95 -5.03 -20.75
CA THR A 283 15.23 -4.05 -21.79
C THR A 283 14.30 -4.20 -23.01
N LEU A 284 13.64 -5.35 -23.13
CA LEU A 284 12.72 -5.62 -24.24
C LEU A 284 11.37 -4.91 -24.12
N VAL A 285 11.14 -4.31 -22.95
CA VAL A 285 9.86 -3.74 -22.63
C VAL A 285 10.01 -2.25 -22.31
N SER A 286 9.14 -1.45 -22.91
CA SER A 286 9.04 -0.03 -22.59
C SER A 286 8.55 0.11 -21.16
N GLY A 287 9.04 1.08 -20.43
CA GLY A 287 8.56 1.21 -19.08
C GLY A 287 9.54 0.77 -18.00
N VAL A 288 9.39 1.39 -16.84
CA VAL A 288 10.43 1.32 -15.86
C VAL A 288 10.01 0.35 -14.77
N GLY A 289 9.02 0.74 -14.00
CA GLY A 289 8.63 -0.03 -12.85
C GLY A 289 7.84 -1.29 -13.16
N ASP A 290 7.47 -1.48 -14.42
CA ASP A 290 6.68 -2.64 -14.79
C ASP A 290 7.38 -3.71 -15.66
N CYS A 291 8.68 -3.55 -15.90
CA CYS A 291 9.35 -4.38 -16.92
C CYS A 291 10.03 -5.66 -16.41
N ALA A 292 9.93 -5.97 -15.13
CA ALA A 292 10.52 -7.17 -14.55
C ALA A 292 9.86 -8.47 -15.02
N PRO A 293 10.64 -9.50 -15.36
CA PRO A 293 9.99 -10.71 -15.85
C PRO A 293 9.66 -11.69 -14.72
N ALA A 294 8.69 -12.56 -14.96
CA ALA A 294 8.34 -13.64 -14.02
C ALA A 294 9.49 -14.65 -13.93
N ALA A 295 9.58 -15.35 -12.81
CA ALA A 295 10.55 -16.42 -12.60
C ALA A 295 10.67 -17.39 -13.78
N ALA A 296 9.53 -17.69 -14.42
CA ALA A 296 9.48 -18.63 -15.53
C ALA A 296 10.09 -18.06 -16.79
N ALA A 297 9.91 -16.75 -17.02
CA ALA A 297 10.56 -16.12 -18.16
C ALA A 297 12.08 -16.07 -17.94
N ILE A 298 12.52 -15.93 -16.70
CA ILE A 298 13.95 -15.96 -16.46
C ILE A 298 14.49 -17.33 -16.85
N ASP A 299 13.81 -18.38 -16.38
CA ASP A 299 14.10 -19.78 -16.72
C ASP A 299 14.10 -20.05 -18.23
N ALA A 300 13.03 -19.64 -18.91
CA ALA A 300 12.93 -19.82 -20.36
C ALA A 300 14.05 -19.10 -21.10
N ALA A 301 14.47 -17.94 -20.61
CA ALA A 301 15.55 -17.18 -21.24
C ALA A 301 16.91 -17.83 -21.03
N LEU A 302 17.14 -18.33 -19.82
CA LEU A 302 18.35 -19.09 -19.51
C LEU A 302 18.49 -20.39 -20.29
N ARG A 303 17.38 -21.12 -20.50
CA ARG A 303 17.45 -22.37 -21.27
C ARG A 303 17.86 -22.10 -22.71
N ALA A 304 17.27 -21.07 -23.31
CA ALA A 304 17.67 -20.64 -24.66
C ALA A 304 19.09 -20.01 -24.76
N ASN A 305 19.83 -19.97 -23.65
CA ASN A 305 21.17 -19.35 -23.56
C ASN A 305 21.21 -17.88 -24.02
N ALA B 19 -17.92 -13.32 -8.09
CA ALA B 19 -17.39 -12.22 -7.21
C ALA B 19 -18.55 -11.40 -6.62
N PRO B 20 -18.65 -11.29 -5.29
CA PRO B 20 -19.81 -10.59 -4.71
C PRO B 20 -19.79 -9.08 -5.02
N ARG B 21 -20.97 -8.55 -5.37
CA ARG B 21 -21.12 -7.15 -5.70
C ARG B 21 -21.63 -6.34 -4.50
N VAL B 22 -20.81 -5.38 -4.08
CA VAL B 22 -21.12 -4.52 -2.95
C VAL B 22 -21.24 -3.07 -3.37
N CYS B 23 -22.23 -2.43 -2.78
CA CYS B 23 -22.47 -1.04 -2.99
C CYS B 23 -22.39 -0.36 -1.66
N VAL B 24 -21.51 0.63 -1.58
CA VAL B 24 -21.39 1.42 -0.38
C VAL B 24 -21.94 2.80 -0.65
N VAL B 25 -22.90 3.21 0.18
CA VAL B 25 -23.42 4.54 0.16
C VAL B 25 -23.05 5.07 1.50
N GLY B 26 -22.10 6.00 1.52
CA GLY B 26 -21.55 6.47 2.79
C GLY B 26 -20.62 7.66 2.62
N SER B 27 -19.95 8.01 3.71
CA SER B 27 -19.12 9.19 3.76
C SER B 27 -17.69 8.95 3.30
N VAL B 28 -17.07 10.04 2.80
CA VAL B 28 -15.63 10.09 2.59
C VAL B 28 -15.08 11.36 3.22
N ASN B 29 -14.09 11.20 4.11
CA ASN B 29 -13.41 12.32 4.73
C ASN B 29 -11.94 12.39 4.39
N MET B 30 -11.41 13.60 4.40
CA MET B 30 -9.97 13.83 4.49
C MET B 30 -9.69 13.93 5.97
N ASP B 31 -8.88 13.00 6.48
CA ASP B 31 -8.40 12.99 7.86
C ASP B 31 -7.11 13.82 7.94
N LEU B 32 -7.13 14.86 8.75
CA LEU B 32 -5.95 15.68 9.02
C LEU B 32 -5.46 15.39 10.44
N THR B 33 -4.28 14.75 10.57
CA THR B 33 -3.74 14.41 11.87
C THR B 33 -2.59 15.33 12.30
N PHE B 34 -2.85 16.08 13.39
CA PHE B 34 -1.91 17.07 13.92
C PHE B 34 -1.24 16.51 15.19
N VAL B 35 0.09 16.48 15.23
CA VAL B 35 0.82 16.14 16.45
C VAL B 35 1.15 17.44 17.16
N VAL B 36 0.68 17.58 18.40
CA VAL B 36 0.89 18.79 19.20
C VAL B 36 1.37 18.43 20.60
N ASP B 37 1.94 19.41 21.29
CA ASP B 37 2.26 19.22 22.68
C ASP B 37 0.96 19.21 23.48
N ALA B 38 0.26 20.35 23.57
CA ALA B 38 -1.10 20.39 24.09
C ALA B 38 -2.08 21.02 23.09
N LEU B 39 -3.36 20.62 23.18
CA LEU B 39 -4.46 21.33 22.53
C LEU B 39 -4.38 22.81 22.84
N PRO B 40 -4.79 23.67 21.89
CA PRO B 40 -4.79 25.08 22.15
C PRO B 40 -5.88 25.50 23.16
N ARG B 41 -5.51 26.37 24.10
CA ARG B 41 -6.51 26.96 24.98
C ARG B 41 -7.29 28.08 24.27
N PRO B 42 -8.44 28.51 24.86
CA PRO B 42 -9.22 29.65 24.33
C PRO B 42 -8.35 30.90 24.14
N GLY B 43 -8.43 31.49 22.95
CA GLY B 43 -7.66 32.67 22.57
C GLY B 43 -6.20 32.39 22.28
N GLU B 44 -5.81 31.11 22.26
CA GLU B 44 -4.41 30.77 22.06
C GLU B 44 -4.17 30.21 20.65
N THR B 45 -3.00 30.51 20.11
CA THR B 45 -2.47 29.86 18.89
C THR B 45 -1.36 28.88 19.24
N VAL B 46 -1.48 27.68 18.73
CA VAL B 46 -0.50 26.63 18.97
C VAL B 46 0.03 26.15 17.63
N LEU B 47 1.31 25.78 17.60
CA LEU B 47 1.93 25.21 16.40
C LEU B 47 2.02 23.71 16.50
N ALA B 48 1.69 23.01 15.42
CA ALA B 48 1.82 21.57 15.40
C ALA B 48 3.26 21.23 15.00
N ALA B 49 3.76 20.12 15.54
CA ALA B 49 5.00 19.53 15.07
C ALA B 49 4.80 18.99 13.66
N SER B 50 3.69 18.30 13.43
CA SER B 50 3.43 17.75 12.10
C SER B 50 1.95 17.75 11.79
N LEU B 51 1.65 17.77 10.49
CA LEU B 51 0.31 17.49 9.98
C LEU B 51 0.46 16.43 8.93
N THR B 52 -0.34 15.36 9.04
CA THR B 52 -0.37 14.28 8.06
C THR B 52 -1.81 14.14 7.51
N ARG B 53 -1.92 14.07 6.18
CA ARG B 53 -3.22 14.00 5.50
C ARG B 53 -3.45 12.58 5.06
N THR B 54 -4.57 12.01 5.47
CA THR B 54 -4.90 10.63 5.09
C THR B 54 -6.37 10.55 4.72
N PRO B 55 -6.69 10.00 3.55
CA PRO B 55 -8.09 9.77 3.22
C PRO B 55 -8.73 8.80 4.21
N GLY B 56 -10.01 9.03 4.50
CA GLY B 56 -10.73 8.16 5.39
C GLY B 56 -12.22 8.40 5.29
N GLY B 57 -12.90 8.35 6.44
CA GLY B 57 -14.35 8.32 6.48
C GLY B 57 -14.87 6.88 6.45
N LYS B 58 -15.93 6.63 7.21
CA LYS B 58 -16.45 5.28 7.34
C LYS B 58 -16.75 4.66 5.98
N GLY B 59 -17.51 5.37 5.14
CA GLY B 59 -17.96 4.85 3.88
C GLY B 59 -16.80 4.38 3.02
N ALA B 60 -15.76 5.23 2.88
CA ALA B 60 -14.58 4.95 2.06
C ALA B 60 -13.71 3.84 2.68
N ASN B 61 -13.47 3.91 3.98
CA ASN B 61 -12.78 2.81 4.69
C ASN B 61 -13.49 1.46 4.43
N GLN B 62 -14.81 1.43 4.58
CA GLN B 62 -15.51 0.18 4.40
C GLN B 62 -15.41 -0.30 2.98
N ALA B 63 -15.43 0.64 2.04
CA ALA B 63 -15.39 0.34 0.60
C ALA B 63 -14.06 -0.27 0.24
N VAL B 64 -12.99 0.34 0.74
CA VAL B 64 -11.65 -0.22 0.58
C VAL B 64 -11.54 -1.63 1.24
N ALA B 65 -11.96 -1.76 2.49
CA ALA B 65 -11.94 -3.07 3.14
C ALA B 65 -12.62 -4.11 2.28
N ALA B 66 -13.81 -3.78 1.76
CA ALA B 66 -14.60 -4.73 0.98
C ALA B 66 -13.85 -5.10 -0.31
N ALA B 67 -13.23 -4.10 -0.93
CA ALA B 67 -12.50 -4.34 -2.18
C ALA B 67 -11.27 -5.22 -1.91
N ARG B 68 -10.49 -4.87 -0.92
CA ARG B 68 -9.35 -5.72 -0.60
C ARG B 68 -9.75 -7.16 -0.30
N ALA B 69 -10.92 -7.32 0.34
CA ALA B 69 -11.44 -8.64 0.68
C ALA B 69 -11.96 -9.43 -0.53
N GLY B 70 -12.04 -8.78 -1.70
CA GLY B 70 -12.41 -9.51 -2.90
C GLY B 70 -13.78 -9.23 -3.50
N ALA B 71 -14.51 -8.27 -2.93
CA ALA B 71 -15.79 -7.87 -3.54
C ALA B 71 -15.53 -6.92 -4.70
N GLN B 72 -16.49 -6.83 -5.63
CA GLN B 72 -16.52 -5.76 -6.62
C GLN B 72 -17.29 -4.62 -5.99
N VAL B 73 -16.60 -3.52 -5.75
CA VAL B 73 -17.22 -2.46 -4.96
C VAL B 73 -17.56 -1.25 -5.80
N GLN B 74 -18.72 -0.65 -5.51
CA GLN B 74 -19.07 0.64 -6.05
C GLN B 74 -19.31 1.57 -4.88
N PHE B 75 -18.62 2.70 -4.88
CA PHE B 75 -18.84 3.67 -3.83
C PHE B 75 -19.71 4.80 -4.34
N SER B 76 -20.76 5.09 -3.58
CA SER B 76 -21.59 6.22 -3.92
C SER B 76 -21.54 7.23 -2.78
N GLY B 77 -20.88 8.34 -3.00
CA GLY B 77 -20.69 9.36 -1.95
C GLY B 77 -20.48 10.72 -2.59
N ALA B 78 -20.22 11.73 -1.76
CA ALA B 78 -20.10 13.10 -2.25
C ALA B 78 -18.74 13.68 -1.91
N PHE B 79 -18.02 14.14 -2.92
CA PHE B 79 -16.80 14.95 -2.75
C PHE B 79 -17.08 16.45 -2.82
N GLY B 80 -16.32 17.23 -2.05
CA GLY B 80 -16.34 18.69 -2.21
C GLY B 80 -15.61 19.13 -3.47
N ASP B 81 -15.42 20.43 -3.63
CA ASP B 81 -14.68 20.96 -4.80
C ASP B 81 -13.29 21.44 -4.39
N ASP B 82 -12.89 21.13 -3.16
CA ASP B 82 -11.55 21.41 -2.65
C ASP B 82 -10.45 20.49 -3.21
N PRO B 83 -9.18 20.89 -3.03
CA PRO B 83 -8.05 20.02 -3.48
C PRO B 83 -8.10 18.63 -2.82
N ALA B 84 -8.53 18.59 -1.55
CA ALA B 84 -8.77 17.33 -0.82
C ALA B 84 -9.56 16.33 -1.67
N ALA B 85 -10.62 16.81 -2.34
CA ALA B 85 -11.45 15.93 -3.13
C ALA B 85 -10.64 15.15 -4.16
N ALA B 86 -9.64 15.76 -4.77
CA ALA B 86 -8.81 15.02 -5.73
C ALA B 86 -8.08 13.88 -5.07
N GLN B 87 -7.64 14.09 -3.82
CA GLN B 87 -6.90 13.06 -3.09
C GLN B 87 -7.79 11.86 -2.67
N LEU B 88 -9.00 12.19 -2.23
CA LEU B 88 -9.97 11.17 -1.90
C LEU B 88 -10.32 10.33 -3.12
N ARG B 89 -10.53 10.97 -4.26
CA ARG B 89 -10.75 10.23 -5.50
C ARG B 89 -9.59 9.32 -5.83
N ALA B 90 -8.35 9.80 -5.69
CA ALA B 90 -7.18 8.98 -6.07
C ALA B 90 -7.10 7.75 -5.18
N HIS B 91 -7.29 7.98 -3.87
CA HIS B 91 -7.30 6.92 -2.88
C HIS B 91 -8.28 5.79 -3.24
N LEU B 92 -9.53 6.12 -3.53
CA LEU B 92 -10.56 5.07 -3.81
C LEU B 92 -10.28 4.33 -5.11
N ARG B 93 -9.93 5.07 -6.14
CA ARG B 93 -9.63 4.50 -7.45
C ARG B 93 -8.43 3.51 -7.39
N ALA B 94 -7.41 3.88 -6.62
CA ALA B 94 -6.24 3.05 -6.45
C ALA B 94 -6.58 1.76 -5.71
N ASN B 95 -7.58 1.81 -4.83
CA ASN B 95 -8.03 0.61 -4.16
C ASN B 95 -9.07 -0.21 -4.92
N ALA B 96 -9.22 0.08 -6.22
CA ALA B 96 -10.15 -0.62 -7.07
C ALA B 96 -11.61 -0.42 -6.66
N VAL B 97 -11.91 0.67 -5.95
CA VAL B 97 -13.28 1.01 -5.67
C VAL B 97 -13.86 1.82 -6.82
N GLY B 98 -15.04 1.41 -7.31
CA GLY B 98 -15.75 2.15 -8.37
C GLY B 98 -16.33 3.49 -7.94
N LEU B 99 -16.28 4.47 -8.86
CA LEU B 99 -16.76 5.84 -8.60
C LEU B 99 -17.71 6.39 -9.66
N ASP B 100 -18.25 5.51 -10.49
CA ASP B 100 -19.26 5.89 -11.49
C ASP B 100 -20.29 6.81 -10.88
N ARG B 101 -20.74 6.49 -9.66
CA ARG B 101 -21.95 7.08 -9.10
C ARG B 101 -21.77 8.10 -7.98
N THR B 102 -20.56 8.65 -7.87
CA THR B 102 -20.34 9.73 -6.91
C THR B 102 -20.70 11.09 -7.50
N VAL B 103 -20.70 12.08 -6.63
CA VAL B 103 -21.07 13.43 -6.99
C VAL B 103 -20.04 14.40 -6.43
N THR B 104 -19.97 15.58 -7.07
CA THR B 104 -19.12 16.70 -6.66
C THR B 104 -20.03 17.85 -6.26
N VAL B 105 -19.97 18.26 -5.00
CA VAL B 105 -20.80 19.37 -4.55
C VAL B 105 -19.95 20.57 -4.11
N PRO B 106 -20.40 21.78 -4.39
CA PRO B 106 -19.56 22.93 -4.01
C PRO B 106 -19.23 22.91 -2.54
N GLY B 107 -18.06 23.43 -2.17
CA GLY B 107 -17.63 23.49 -0.78
C GLY B 107 -16.59 22.44 -0.38
N PRO B 108 -16.29 22.37 0.92
CA PRO B 108 -15.27 21.40 1.37
C PRO B 108 -15.77 19.95 1.35
N SER B 109 -14.83 19.00 1.18
CA SER B 109 -15.03 17.60 1.52
C SER B 109 -15.30 17.41 3.01
N GLY B 110 -15.92 16.29 3.36
CA GLY B 110 -15.96 15.89 4.74
C GLY B 110 -14.55 15.94 5.33
N THR B 111 -14.47 16.47 6.55
CA THR B 111 -13.20 16.68 7.18
C THR B 111 -13.24 16.15 8.58
N ALA B 112 -12.18 15.42 8.95
CA ALA B 112 -11.92 15.00 10.31
C ALA B 112 -10.54 15.52 10.77
N ILE B 113 -10.55 16.23 11.88
CA ILE B 113 -9.33 16.76 12.51
C ILE B 113 -9.01 15.89 13.69
N ILE B 114 -7.81 15.28 13.69
CA ILE B 114 -7.34 14.41 14.75
C ILE B 114 -6.08 14.98 15.41
N VAL B 115 -6.22 15.41 16.65
CA VAL B 115 -5.08 15.93 17.39
C VAL B 115 -4.54 14.96 18.43
N VAL B 116 -3.30 14.55 18.24
CA VAL B 116 -2.54 13.70 19.16
C VAL B 116 -1.67 14.60 20.01
N ASP B 117 -1.85 14.57 21.32
CA ASP B 117 -0.99 15.38 22.18
C ASP B 117 0.05 14.56 22.86
N ALA B 118 0.83 15.25 23.69
CA ALA B 118 2.01 14.72 24.37
C ALA B 118 1.67 13.64 25.38
N SER B 119 0.46 13.69 25.93
CA SER B 119 -0.03 12.60 26.78
C SER B 119 -0.80 11.54 25.95
N ALA B 120 -0.51 11.47 24.65
CA ALA B 120 -1.10 10.48 23.72
C ALA B 120 -2.64 10.38 23.70
N GLU B 121 -3.31 11.42 24.19
CA GLU B 121 -4.77 11.55 24.04
C GLU B 121 -5.11 11.97 22.60
N ASN B 122 -6.23 11.46 22.06
CA ASN B 122 -6.72 11.86 20.73
C ASN B 122 -7.98 12.68 20.81
N THR B 123 -7.95 13.89 20.25
CA THR B 123 -9.15 14.72 20.14
C THR B 123 -9.60 14.79 18.70
N VAL B 124 -10.87 14.50 18.46
CA VAL B 124 -11.38 14.41 17.11
C VAL B 124 -12.47 15.44 16.87
N LEU B 125 -12.43 16.04 15.68
CA LEU B 125 -13.39 17.06 15.26
C LEU B 125 -13.78 16.77 13.82
N VAL B 126 -15.03 16.45 13.61
CA VAL B 126 -15.53 16.03 12.29
C VAL B 126 -16.59 17.01 11.82
N ALA B 127 -16.56 17.34 10.53
CA ALA B 127 -17.60 18.15 9.90
C ALA B 127 -18.06 17.39 8.68
N PRO B 128 -19.39 17.35 8.43
CA PRO B 128 -19.90 16.53 7.32
C PRO B 128 -19.33 16.95 5.99
N GLY B 129 -19.06 18.25 5.85
CA GLY B 129 -18.73 18.82 4.54
C GLY B 129 -19.70 18.33 3.48
N ALA B 130 -19.15 17.84 2.37
CA ALA B 130 -19.93 17.42 1.21
C ALA B 130 -20.87 16.30 1.54
N ASN B 131 -20.51 15.51 2.55
CA ASN B 131 -21.24 14.29 2.91
C ASN B 131 -22.69 14.58 3.24
N ALA B 132 -22.94 15.81 3.68
CA ALA B 132 -24.29 16.28 4.03
C ALA B 132 -25.16 16.52 2.80
N HIS B 133 -24.60 16.43 1.61
CA HIS B 133 -25.34 16.80 0.41
C HIS B 133 -25.45 15.59 -0.49
N LEU B 134 -25.54 14.42 0.13
CA LEU B 134 -25.48 13.25 -0.67
C LEU B 134 -26.87 12.87 -1.19
N THR B 135 -26.94 12.59 -2.48
CA THR B 135 -28.18 12.20 -3.14
C THR B 135 -28.26 10.71 -3.48
N PRO B 136 -29.32 10.04 -2.99
CA PRO B 136 -29.59 8.63 -3.32
C PRO B 136 -29.44 8.35 -4.82
N VAL B 137 -28.92 7.19 -5.18
CA VAL B 137 -28.88 6.78 -6.58
C VAL B 137 -29.44 5.36 -6.77
N PRO B 138 -30.77 5.20 -6.71
CA PRO B 138 -31.41 3.90 -6.71
C PRO B 138 -30.99 2.93 -7.83
N SER B 139 -30.63 3.43 -9.00
CA SER B 139 -30.28 2.51 -10.07
C SER B 139 -28.90 1.90 -9.90
N ALA B 140 -28.10 2.51 -9.01
CA ALA B 140 -26.76 2.02 -8.68
C ALA B 140 -26.83 0.87 -7.69
N VAL B 141 -27.72 0.98 -6.72
CA VAL B 141 -27.89 -0.17 -5.82
C VAL B 141 -28.54 -1.38 -6.52
N ALA B 142 -29.13 -1.16 -7.68
CA ALA B 142 -29.60 -2.27 -8.53
C ALA B 142 -28.42 -3.15 -8.90
N ASN B 143 -28.68 -4.42 -9.17
CA ASN B 143 -27.56 -5.33 -9.44
C ASN B 143 -26.37 -5.14 -8.45
N CYS B 144 -26.61 -5.47 -7.19
CA CYS B 144 -25.57 -5.61 -6.21
C CYS B 144 -26.16 -6.56 -5.20
N ASP B 145 -25.31 -7.22 -4.44
CA ASP B 145 -25.78 -8.25 -3.54
C ASP B 145 -25.96 -7.65 -2.17
N VAL B 146 -25.10 -6.68 -1.86
CA VAL B 146 -25.09 -6.12 -0.53
C VAL B 146 -25.00 -4.60 -0.59
N LEU B 147 -25.89 -3.94 0.14
CA LEU B 147 -25.76 -2.52 0.32
C LEU B 147 -25.20 -2.30 1.70
N LEU B 148 -24.12 -1.54 1.77
CA LEU B 148 -23.55 -1.18 3.07
C LEU B 148 -23.57 0.35 3.23
N THR B 149 -24.14 0.83 4.32
CA THR B 149 -24.28 2.27 4.58
C THR B 149 -23.95 2.54 6.06
N GLN B 150 -23.62 3.78 6.41
CA GLN B 150 -23.31 4.15 7.81
C GLN B 150 -23.96 5.49 8.11
N LEU B 151 -23.66 6.09 9.24
CA LEU B 151 -24.42 7.25 9.64
C LEU B 151 -23.64 8.56 9.61
N GLU B 152 -22.61 8.64 8.78
CA GLU B 152 -21.89 9.90 8.63
C GLU B 152 -22.50 10.72 7.50
N ILE B 153 -23.33 10.05 6.72
CA ILE B 153 -24.18 10.71 5.76
C ILE B 153 -25.52 10.98 6.45
N PRO B 154 -26.42 11.72 5.79
CA PRO B 154 -27.70 11.93 6.44
C PRO B 154 -28.54 10.66 6.40
N VAL B 155 -29.33 10.46 7.46
CA VAL B 155 -30.19 9.30 7.61
C VAL B 155 -31.11 9.09 6.41
N ALA B 156 -31.71 10.18 5.94
CA ALA B 156 -32.62 10.16 4.83
C ALA B 156 -31.99 9.50 3.60
N THR B 157 -30.70 9.78 3.39
CA THR B 157 -30.02 9.26 2.23
C THR B 157 -29.76 7.77 2.41
N ALA B 158 -29.35 7.38 3.63
CA ALA B 158 -29.15 5.97 3.98
C ALA B 158 -30.50 5.24 3.83
N LEU B 159 -31.56 5.87 4.33
CA LEU B 159 -32.92 5.37 4.20
C LEU B 159 -33.28 5.17 2.72
N ALA B 160 -33.14 6.23 1.93
CA ALA B 160 -33.46 6.11 0.53
C ALA B 160 -32.70 4.91 -0.07
N ALA B 161 -31.38 4.85 0.11
CA ALA B 161 -30.59 3.74 -0.43
C ALA B 161 -31.07 2.38 0.09
N ALA B 162 -31.46 2.32 1.35
CA ALA B 162 -31.92 1.06 1.93
C ALA B 162 -33.21 0.55 1.27
N ARG B 163 -34.09 1.49 0.94
CA ARG B 163 -35.34 1.17 0.28
C ARG B 163 -35.09 0.61 -1.11
N ALA B 164 -34.18 1.25 -1.86
CA ALA B 164 -33.80 0.76 -3.18
C ALA B 164 -33.24 -0.66 -3.11
N ALA B 165 -32.41 -0.93 -2.11
CA ALA B 165 -31.81 -2.25 -1.97
C ALA B 165 -32.86 -3.28 -1.64
N GLN B 166 -33.82 -2.90 -0.82
CA GLN B 166 -34.93 -3.76 -0.50
C GLN B 166 -35.64 -4.21 -1.77
N SER B 167 -35.98 -3.25 -2.64
CA SER B 167 -36.64 -3.58 -3.91
C SER B 167 -35.81 -4.45 -4.80
N ALA B 168 -34.50 -4.26 -4.76
CA ALA B 168 -33.62 -4.99 -5.67
C ALA B 168 -33.25 -6.34 -5.08
N ASP B 169 -33.85 -6.68 -3.93
CA ASP B 169 -33.51 -7.90 -3.20
C ASP B 169 -32.03 -7.94 -2.78
N ALA B 170 -31.45 -6.78 -2.51
CA ALA B 170 -30.07 -6.70 -2.03
C ALA B 170 -30.13 -6.61 -0.50
N VAL B 171 -29.14 -7.22 0.17
CA VAL B 171 -29.07 -7.20 1.64
C VAL B 171 -28.80 -5.78 2.08
N VAL B 172 -29.55 -5.33 3.09
CA VAL B 172 -29.40 -4.00 3.63
C VAL B 172 -28.55 -4.09 4.89
N MET B 173 -27.30 -3.63 4.83
CA MET B 173 -26.38 -3.75 5.97
C MET B 173 -26.01 -2.36 6.44
N VAL B 174 -26.35 -2.07 7.69
CA VAL B 174 -26.13 -0.77 8.25
C VAL B 174 -25.10 -0.87 9.37
N ASN B 175 -24.01 -0.12 9.26
CA ASN B 175 -23.12 0.12 10.36
C ASN B 175 -23.70 1.27 11.18
N ALA B 176 -24.17 0.97 12.39
CA ALA B 176 -24.81 2.00 13.22
C ALA B 176 -23.80 2.97 13.88
N SER B 177 -23.09 3.72 13.04
CA SER B 177 -21.97 4.53 13.50
C SER B 177 -21.86 5.78 12.64
N PRO B 178 -21.57 6.95 13.26
CA PRO B 178 -21.36 7.15 14.70
C PRO B 178 -22.59 6.99 15.56
N ALA B 179 -22.33 6.59 16.80
CA ALA B 179 -23.29 6.60 17.93
C ALA B 179 -23.87 7.99 18.16
N GLY B 180 -24.83 8.06 19.09
CA GLY B 180 -25.38 9.34 19.54
C GLY B 180 -26.27 10.00 18.51
N GLN B 181 -26.60 9.28 17.44
CA GLN B 181 -27.69 9.71 16.57
C GLN B 181 -29.00 9.73 17.37
N ASP B 182 -29.87 10.65 17.01
CA ASP B 182 -31.17 10.84 17.66
C ASP B 182 -32.10 9.63 17.47
N ARG B 183 -32.63 9.12 18.59
CA ARG B 183 -33.47 7.90 18.65
C ARG B 183 -34.43 7.69 17.47
N SER B 184 -35.45 8.56 17.38
CA SER B 184 -36.55 8.41 16.40
C SER B 184 -36.20 8.69 14.92
N SER B 185 -35.12 9.43 14.68
CA SER B 185 -34.67 9.66 13.30
C SER B 185 -34.19 8.35 12.64
N LEU B 186 -33.86 7.36 13.47
CA LEU B 186 -33.27 6.09 13.03
C LEU B 186 -34.29 4.96 12.91
N GLN B 187 -35.48 5.18 13.45
CA GLN B 187 -36.51 4.15 13.51
C GLN B 187 -36.89 3.54 12.16
N ASP B 188 -37.09 4.39 11.16
CA ASP B 188 -37.45 3.88 9.84
C ASP B 188 -36.32 3.05 9.23
N LEU B 189 -35.09 3.47 9.44
CA LEU B 189 -33.94 2.71 8.96
C LEU B 189 -33.75 1.39 9.72
N ALA B 190 -34.05 1.40 11.02
CA ALA B 190 -33.95 0.18 11.83
C ALA B 190 -34.93 -0.89 11.37
N ALA B 191 -36.11 -0.42 11.01
CA ALA B 191 -37.18 -1.30 10.57
C ALA B 191 -36.85 -2.03 9.27
N ILE B 192 -35.91 -1.47 8.50
CA ILE B 192 -35.69 -1.92 7.12
C ILE B 192 -34.36 -2.67 6.91
N ALA B 193 -33.51 -2.67 7.96
CA ALA B 193 -32.18 -3.27 7.88
C ALA B 193 -32.26 -4.76 8.08
N ASP B 194 -31.53 -5.51 7.27
CA ASP B 194 -31.37 -6.94 7.51
C ASP B 194 -30.30 -7.20 8.57
N VAL B 195 -29.17 -6.51 8.41
CA VAL B 195 -28.00 -6.63 9.27
C VAL B 195 -27.62 -5.28 9.82
N VAL B 196 -27.29 -5.23 11.10
CA VAL B 196 -26.82 -4.00 11.69
C VAL B 196 -25.53 -4.34 12.42
N ILE B 197 -24.46 -3.60 12.11
CA ILE B 197 -23.17 -3.73 12.77
C ILE B 197 -23.00 -2.58 13.75
N ALA B 198 -22.48 -2.87 14.94
CA ALA B 198 -22.35 -1.86 15.97
C ALA B 198 -21.46 -2.37 17.09
N ASN B 199 -20.66 -1.51 17.68
CA ASN B 199 -19.99 -1.87 18.92
C ASN B 199 -21.02 -1.73 20.04
N GLU B 200 -20.63 -2.08 21.25
CA GLU B 200 -21.58 -2.14 22.35
C GLU B 200 -22.25 -0.81 22.65
N HIS B 201 -21.47 0.26 22.53
CA HIS B 201 -21.97 1.58 22.85
C HIS B 201 -22.98 1.98 21.77
N GLU B 202 -22.60 1.75 20.53
CA GLU B 202 -23.45 2.08 19.42
C GLU B 202 -24.76 1.30 19.43
N ALA B 203 -24.71 0.06 19.93
CA ALA B 203 -25.88 -0.80 19.87
C ALA B 203 -27.00 -0.21 20.74
N ASN B 204 -26.60 0.39 21.85
CA ASN B 204 -27.55 0.95 22.80
C ASN B 204 -28.36 2.08 22.20
N ASP B 205 -27.80 2.74 21.19
CA ASP B 205 -28.47 3.86 20.56
C ASP B 205 -29.25 3.49 19.32
N TRP B 206 -29.31 2.19 19.03
CA TRP B 206 -30.04 1.68 17.89
C TRP B 206 -31.47 1.28 18.32
N PRO B 207 -32.50 1.82 17.64
CA PRO B 207 -33.87 1.75 18.17
C PRO B 207 -34.51 0.36 18.25
N SER B 208 -34.25 -0.51 17.27
CA SER B 208 -34.84 -1.85 17.33
C SER B 208 -34.01 -2.90 16.59
N PRO B 209 -33.91 -4.11 17.18
CA PRO B 209 -33.07 -5.19 16.64
C PRO B 209 -33.44 -5.61 15.20
N PRO B 210 -32.42 -5.81 14.36
CA PRO B 210 -32.70 -6.27 13.01
C PRO B 210 -32.86 -7.80 12.98
N THR B 211 -33.09 -8.37 11.80
CA THR B 211 -32.94 -9.81 11.56
C THR B 211 -31.58 -10.32 12.05
N HIS B 212 -30.51 -9.58 11.79
CA HIS B 212 -29.14 -10.03 12.13
C HIS B 212 -28.36 -8.89 12.76
N PHE B 213 -28.25 -8.92 14.09
CA PHE B 213 -27.54 -7.91 14.87
C PHE B 213 -26.12 -8.40 15.14
N VAL B 214 -25.12 -7.70 14.64
CA VAL B 214 -23.74 -8.08 14.84
C VAL B 214 -23.05 -7.04 15.69
N ILE B 215 -22.61 -7.44 16.88
CA ILE B 215 -22.00 -6.51 17.80
C ILE B 215 -20.51 -6.79 17.97
N THR B 216 -19.70 -5.78 17.65
CA THR B 216 -18.25 -5.91 17.74
C THR B 216 -17.76 -5.69 19.17
N LEU B 217 -16.68 -6.39 19.51
CA LEU B 217 -16.20 -6.45 20.89
C LEU B 217 -14.70 -6.18 21.04
N GLY B 218 -14.18 -5.16 20.33
CA GLY B 218 -12.73 -4.92 20.27
C GLY B 218 -11.93 -6.20 20.05
N VAL B 219 -10.83 -6.37 20.81
CA VAL B 219 -9.99 -7.60 20.73
C VAL B 219 -10.73 -8.94 20.75
N ARG B 220 -11.81 -9.03 21.52
CA ARG B 220 -12.53 -10.30 21.67
C ARG B 220 -13.14 -10.81 20.39
N GLY B 221 -13.50 -9.91 19.48
CA GLY B 221 -14.20 -10.29 18.24
C GLY B 221 -15.61 -9.72 18.16
N ALA B 222 -16.60 -10.60 18.04
CA ALA B 222 -17.99 -10.18 17.85
C ALA B 222 -19.01 -11.16 18.44
N ARG B 223 -20.23 -10.68 18.67
CA ARG B 223 -21.36 -11.59 18.92
C ARG B 223 -22.54 -11.33 18.01
N TYR B 224 -23.37 -12.35 17.85
CA TYR B 224 -24.51 -12.30 16.96
C TYR B 224 -25.77 -12.57 17.76
N VAL B 225 -26.83 -11.85 17.41
CA VAL B 225 -28.14 -12.17 17.89
C VAL B 225 -29.15 -11.83 16.80
N GLY B 226 -29.93 -12.84 16.42
CA GLY B 226 -30.98 -12.70 15.43
C GLY B 226 -31.53 -14.03 15.00
N ALA B 227 -32.07 -14.07 13.79
CA ALA B 227 -32.72 -15.24 13.25
C ALA B 227 -31.95 -16.56 13.34
N ASP B 228 -30.61 -16.50 13.33
CA ASP B 228 -29.74 -17.69 13.39
C ASP B 228 -29.44 -18.09 14.83
N GLY B 229 -30.00 -17.37 15.79
CA GLY B 229 -29.73 -17.67 17.19
C GLY B 229 -28.83 -16.66 17.87
N VAL B 230 -27.98 -17.15 18.76
CA VAL B 230 -27.22 -16.31 19.67
C VAL B 230 -25.89 -16.96 19.89
N PHE B 231 -24.80 -16.28 19.54
CA PHE B 231 -23.47 -16.86 19.69
C PHE B 231 -22.36 -15.82 19.67
N GLU B 232 -21.23 -16.18 20.26
CA GLU B 232 -20.03 -15.38 20.19
C GLU B 232 -19.25 -15.83 18.97
N VAL B 233 -18.48 -14.92 18.38
CA VAL B 233 -17.57 -15.25 17.27
C VAL B 233 -16.20 -14.69 17.63
N PRO B 234 -15.27 -15.54 18.08
CA PRO B 234 -14.00 -15.04 18.62
C PRO B 234 -13.02 -14.64 17.52
N ALA B 235 -12.08 -13.78 17.90
CA ALA B 235 -11.07 -13.26 16.97
C ALA B 235 -9.73 -13.99 17.12
N PRO B 236 -9.06 -14.29 15.98
CA PRO B 236 -7.71 -14.76 16.19
C PRO B 236 -7.02 -13.77 17.12
N THR B 237 -6.24 -14.30 18.06
CA THR B 237 -5.52 -13.46 19.00
C THR B 237 -4.23 -12.93 18.36
N VAL B 238 -3.90 -11.68 18.69
CA VAL B 238 -2.82 -10.92 18.04
C VAL B 238 -2.36 -9.85 19.03
N THR B 239 -1.20 -9.24 18.81
CA THR B 239 -0.90 -8.06 19.65
C THR B 239 -1.07 -6.79 18.82
N PRO B 240 -1.93 -5.89 19.29
CA PRO B 240 -2.27 -4.64 18.57
C PRO B 240 -1.03 -3.79 18.28
N VAL B 241 -1.10 -2.98 17.22
CA VAL B 241 -0.20 -1.84 17.05
C VAL B 241 -1.09 -0.60 17.12
N ASP B 242 -2.22 -0.68 16.40
CA ASP B 242 -3.19 0.41 16.30
C ASP B 242 -4.56 -0.15 15.98
N THR B 243 -5.53 0.07 16.86
CA THR B 243 -6.86 -0.53 16.70
C THR B 243 -7.83 0.37 15.92
N ALA B 244 -7.46 1.63 15.71
CA ALA B 244 -8.23 2.53 14.88
C ALA B 244 -8.30 1.96 13.49
N GLY B 245 -9.50 2.02 12.91
CA GLY B 245 -9.72 1.55 11.55
C GLY B 245 -10.20 0.11 11.49
N ALA B 246 -10.15 -0.57 12.63
CA ALA B 246 -10.57 -1.99 12.67
C ALA B 246 -12.08 -2.20 12.51
N GLY B 247 -12.88 -1.29 13.09
CA GLY B 247 -14.34 -1.23 12.85
C GLY B 247 -14.73 -1.18 11.38
N ASP B 248 -14.17 -0.22 10.65
CA ASP B 248 -14.46 -0.06 9.23
C ASP B 248 -14.00 -1.25 8.37
N VAL B 249 -12.91 -1.89 8.78
CA VAL B 249 -12.46 -3.09 8.10
C VAL B 249 -13.48 -4.22 8.35
N PHE B 250 -13.92 -4.37 9.60
CA PHE B 250 -14.89 -5.38 9.94
C PHE B 250 -16.10 -5.23 9.04
N ALA B 251 -16.72 -4.04 9.08
CA ALA B 251 -17.92 -3.75 8.28
C ALA B 251 -17.72 -4.04 6.78
N GLY B 252 -16.62 -3.58 6.21
CA GLY B 252 -16.34 -3.86 4.78
C GLY B 252 -16.18 -5.34 4.42
N VAL B 253 -15.53 -6.11 5.30
CA VAL B 253 -15.28 -7.53 5.08
C VAL B 253 -16.55 -8.34 5.34
N LEU B 254 -17.36 -7.86 6.29
CA LEU B 254 -18.67 -8.48 6.47
C LEU B 254 -19.50 -8.39 5.16
N ALA B 255 -19.61 -7.17 4.61
CA ALA B 255 -20.42 -6.92 3.43
C ALA B 255 -19.87 -7.71 2.28
N ALA B 256 -18.55 -7.87 2.22
CA ALA B 256 -17.94 -8.58 1.11
C ALA B 256 -18.17 -10.07 1.19
N ASN B 257 -18.67 -10.52 2.33
CA ASN B 257 -18.77 -11.94 2.56
C ASN B 257 -20.16 -12.42 2.85
N TRP B 258 -21.04 -11.54 3.30
CA TRP B 258 -22.43 -11.89 3.54
C TRP B 258 -23.10 -12.48 2.30
N PRO B 259 -23.84 -13.59 2.47
CA PRO B 259 -24.52 -14.21 1.33
C PRO B 259 -25.61 -13.32 0.74
N ARG B 260 -25.80 -13.39 -0.58
CA ARG B 260 -27.01 -12.84 -1.17
C ARG B 260 -28.24 -13.58 -0.65
N ASN B 261 -29.38 -12.94 -0.77
CA ASN B 261 -30.66 -13.51 -0.38
C ASN B 261 -31.00 -14.83 -1.07
N PRO B 262 -31.60 -15.79 -0.31
CA PRO B 262 -32.01 -15.64 1.10
C PRO B 262 -30.90 -15.97 2.10
N GLY B 263 -29.81 -16.58 1.63
CA GLY B 263 -28.67 -16.90 2.49
C GLY B 263 -28.86 -18.17 3.31
N SER B 264 -27.90 -18.48 4.19
CA SER B 264 -27.99 -19.65 5.06
C SER B 264 -27.08 -19.44 6.27
N PRO B 265 -27.43 -20.00 7.43
CA PRO B 265 -26.62 -19.75 8.65
C PRO B 265 -25.14 -19.98 8.47
N ALA B 266 -24.78 -21.00 7.69
CA ALA B 266 -23.37 -21.37 7.52
C ALA B 266 -22.61 -20.28 6.74
N GLU B 267 -23.28 -19.67 5.78
CA GLU B 267 -22.71 -18.56 5.04
C GLU B 267 -22.56 -17.28 5.91
N ARG B 268 -23.61 -16.94 6.65
CA ARG B 268 -23.54 -15.81 7.57
C ARG B 268 -22.43 -16.01 8.58
N LEU B 269 -22.31 -17.25 9.09
CA LEU B 269 -21.25 -17.60 10.05
C LEU B 269 -19.85 -17.46 9.44
N ARG B 270 -19.68 -18.02 8.24
CA ARG B 270 -18.44 -17.90 7.51
C ARG B 270 -18.07 -16.41 7.41
N ALA B 271 -19.06 -15.60 7.00
CA ALA B 271 -18.86 -14.16 6.87
C ALA B 271 -18.45 -13.49 8.17
N LEU B 272 -19.08 -13.87 9.28
CA LEU B 272 -18.70 -13.30 10.58
C LEU B 272 -17.28 -13.63 11.00
N ARG B 273 -16.87 -14.88 10.79
CA ARG B 273 -15.50 -15.33 11.12
C ARG B 273 -14.48 -14.57 10.28
N ARG B 274 -14.74 -14.51 8.97
CA ARG B 274 -13.90 -13.71 8.08
C ARG B 274 -13.79 -12.24 8.52
N ALA B 275 -14.90 -11.66 8.99
CA ALA B 275 -14.89 -10.26 9.40
C ALA B 275 -14.09 -10.07 10.66
N CYS B 276 -14.23 -11.02 11.58
CA CYS B 276 -13.43 -11.01 12.80
C CYS B 276 -11.94 -11.13 12.54
N ALA B 277 -11.58 -12.06 11.68
CA ALA B 277 -10.20 -12.27 11.35
C ALA B 277 -9.62 -10.97 10.81
N ALA B 278 -10.31 -10.39 9.81
CA ALA B 278 -9.85 -9.15 9.18
C ALA B 278 -9.74 -7.99 10.17
N GLY B 279 -10.73 -7.88 11.07
CA GLY B 279 -10.74 -6.82 12.07
C GLY B 279 -9.52 -6.96 12.96
N ALA B 280 -9.19 -8.22 13.27
CA ALA B 280 -8.00 -8.56 14.04
C ALA B 280 -6.71 -8.17 13.31
N LEU B 281 -6.60 -8.52 12.02
CA LEU B 281 -5.47 -8.09 11.20
C LEU B 281 -5.27 -6.57 11.07
N ALA B 282 -6.37 -5.81 11.10
CA ALA B 282 -6.30 -4.36 10.87
C ALA B 282 -5.62 -3.68 12.04
N THR B 283 -5.52 -4.41 13.15
CA THR B 283 -4.90 -3.85 14.35
C THR B 283 -3.39 -3.93 14.24
N LEU B 284 -2.90 -4.83 13.38
CA LEU B 284 -1.45 -5.05 13.20
C LEU B 284 -0.75 -3.90 12.50
N VAL B 285 -1.51 -3.04 11.82
CA VAL B 285 -0.93 -1.96 11.04
C VAL B 285 -1.32 -0.63 11.61
N SER B 286 -0.39 0.32 11.53
CA SER B 286 -0.66 1.67 11.98
C SER B 286 -1.57 2.36 10.97
N GLY B 287 -2.35 3.34 11.43
CA GLY B 287 -3.25 4.09 10.55
C GLY B 287 -4.64 3.49 10.33
N VAL B 288 -5.51 4.34 9.81
CA VAL B 288 -6.93 4.09 9.68
C VAL B 288 -7.32 3.62 8.27
N GLY B 289 -7.04 4.43 7.26
CA GLY B 289 -7.49 4.12 5.91
C GLY B 289 -6.70 3.07 5.15
N ASP B 290 -5.59 2.61 5.69
CA ASP B 290 -4.75 1.74 4.87
C ASP B 290 -4.55 0.33 5.41
N CYS B 291 -5.26 0.02 6.49
CA CYS B 291 -5.01 -1.16 7.29
C CYS B 291 -5.82 -2.37 6.96
N ALA B 292 -6.54 -2.35 5.84
CA ALA B 292 -7.38 -3.51 5.48
C ALA B 292 -6.57 -4.62 4.84
N PRO B 293 -6.71 -5.86 5.34
CA PRO B 293 -5.91 -6.96 4.80
C PRO B 293 -6.43 -7.44 3.47
N ALA B 294 -5.58 -8.15 2.71
CA ALA B 294 -6.05 -8.79 1.49
C ALA B 294 -6.75 -10.10 1.81
N ALA B 295 -7.58 -10.58 0.89
CA ALA B 295 -8.34 -11.80 1.10
C ALA B 295 -7.45 -13.01 1.44
N ALA B 296 -6.22 -13.02 0.93
CA ALA B 296 -5.31 -14.13 1.20
C ALA B 296 -4.89 -14.08 2.68
N ALA B 297 -4.49 -12.89 3.13
CA ALA B 297 -4.18 -12.68 4.53
C ALA B 297 -5.32 -13.10 5.47
N ILE B 298 -6.57 -12.94 5.05
CA ILE B 298 -7.70 -13.30 5.89
C ILE B 298 -7.80 -14.82 5.96
N ASP B 299 -7.61 -15.48 4.81
CA ASP B 299 -7.54 -16.94 4.73
C ASP B 299 -6.42 -17.47 5.64
N ALA B 300 -5.19 -17.07 5.35
CA ALA B 300 -4.05 -17.37 6.21
C ALA B 300 -4.43 -17.23 7.67
N ALA B 301 -4.81 -16.03 8.12
CA ALA B 301 -5.13 -15.78 9.53
C ALA B 301 -6.19 -16.72 10.09
N LEU B 302 -7.10 -17.18 9.23
CA LEU B 302 -8.15 -18.09 9.66
C LEU B 302 -7.66 -19.53 9.84
N ARG B 303 -6.77 -19.99 8.96
CA ARG B 303 -6.13 -21.31 9.07
C ARG B 303 -5.27 -21.37 10.33
N ALA B 304 -4.32 -20.45 10.44
CA ALA B 304 -3.57 -20.23 11.67
C ALA B 304 -4.47 -20.15 12.90
N ASN B 305 -5.77 -20.02 12.69
CA ASN B 305 -6.74 -19.74 13.77
C ASN B 305 -6.46 -18.43 14.50
O5 RIB C . 16.16 2.91 -11.84
C5 RIB C . 15.06 3.69 -12.35
C4 RIB C . 14.36 4.37 -11.16
O4 RIB C . 15.19 5.39 -10.61
C3 RIB C . 13.06 5.06 -11.48
O3 RIB C . 11.96 4.21 -11.18
C2 RIB C . 13.07 6.35 -10.63
O2 RIB C . 11.99 6.48 -9.69
C1 RIB C . 14.42 6.39 -9.95
O1 RIB C . 14.33 6.08 -8.56
MG MG D . 12.60 -1.11 -19.53
MG MG E . -5.02 -0.01 12.30
#